data_4MOC
#
_entry.id   4MOC
#
_cell.length_a   123.560
_cell.length_b   123.560
_cell.length_c   49.750
_cell.angle_alpha   90.00
_cell.angle_beta   90.00
_cell.angle_gamma   120.00
#
_symmetry.space_group_name_H-M   'P 3 2 1'
#
loop_
_entity.id
_entity.type
_entity.pdbx_description
1 polymer 'Acyl-coenzyme A thioesterase 12'
2 non-polymer 'COENZYME A'
3 water water
#
_entity_poly.entity_id   1
_entity_poly.type   'polypeptide(L)'
_entity_poly.pdbx_seq_one_letter_code
;SMGEVVMSQAIQPAHATARGELSAGQLLKWIDTTACLAAEKHAGVSCVTASVDDIQFEETARVGQVITIKAKVTRAFSTS
MEISIKVMVQDMLTGIEKLVSVAFSTFVAKPVGKEKIHLKPVTLLTEQDHVEHNLAAERRKVRLQHEDTFNNLMKESSKF
DDLIFDEEEGAVSTRGTSVQSIELVLPPHANHHGNTFGGQIMAWMETVATISASRLCWAHPFLKSVDMFKFRGPSTVGDR
LVFTAIVNNTFQTCVEVGVRVEAFDCQEWAEGRGRHINSAFLIYNAADDKENLITFPRIQPISKDDFRRYRGAIARKRIR
LGRKYVISHKEE
;
_entity_poly.pdbx_strand_id   A
#
# COMPACT_ATOMS: atom_id res chain seq x y z
N MET A 2 -4.67 22.07 7.46
CA MET A 2 -3.41 22.65 6.99
C MET A 2 -2.77 21.81 5.90
N GLY A 3 -3.56 21.47 4.88
CA GLY A 3 -3.09 20.63 3.79
C GLY A 3 -3.22 19.17 4.12
N GLU A 4 -3.54 18.89 5.39
CA GLU A 4 -3.70 17.53 5.85
C GLU A 4 -5.10 16.98 5.58
N VAL A 5 -5.16 15.71 5.19
CA VAL A 5 -6.41 14.97 5.17
C VAL A 5 -6.32 13.95 6.30
N VAL A 6 -7.35 13.92 7.13
CA VAL A 6 -7.38 13.03 8.28
C VAL A 6 -8.50 12.01 8.20
N MET A 7 -8.16 10.74 8.31
CA MET A 7 -9.14 9.67 8.38
C MET A 7 -9.02 8.98 9.73
N SER A 8 -10.16 8.66 10.34
CA SER A 8 -10.16 7.90 11.59
C SER A 8 -11.03 6.65 11.44
N GLN A 9 -10.46 5.50 11.81
CA GLN A 9 -11.16 4.24 11.68
C GLN A 9 -11.07 3.41 12.94
N ALA A 10 -12.21 3.06 13.51
CA ALA A 10 -12.24 2.09 14.60
C ALA A 10 -12.04 0.72 13.98
N ILE A 11 -11.25 -0.12 14.65
CA ILE A 11 -10.96 -1.45 14.10
C ILE A 11 -11.97 -2.49 14.58
N GLN A 12 -12.70 -3.06 13.63
CA GLN A 12 -13.75 -4.01 13.93
C GLN A 12 -13.33 -5.41 13.50
N PRO A 13 -14.05 -6.44 13.96
CA PRO A 13 -13.82 -7.81 13.48
C PRO A 13 -13.81 -7.93 11.95
N ALA A 14 -14.57 -7.08 11.27
CA ALA A 14 -14.62 -7.10 9.81
C ALA A 14 -13.30 -6.66 9.18
N HIS A 15 -12.46 -5.98 9.95
CA HIS A 15 -11.16 -5.53 9.49
C HIS A 15 -10.05 -6.44 10.02
N ALA A 16 -10.45 -7.49 10.73
CA ALA A 16 -9.51 -8.29 11.51
C ALA A 16 -9.06 -9.58 10.85
N THR A 17 -7.96 -10.12 11.35
CA THR A 17 -7.49 -11.45 11.00
C THR A 17 -8.04 -12.44 12.02
N ALA A 18 -7.61 -13.69 11.93
CA ALA A 18 -8.06 -14.72 12.86
C ALA A 18 -7.56 -14.49 14.27
N ARG A 19 -6.68 -13.50 14.44
CA ARG A 19 -6.01 -13.27 15.71
C ARG A 19 -6.50 -12.00 16.41
N GLY A 20 -7.48 -11.34 15.81
CA GLY A 20 -8.00 -10.10 16.37
C GLY A 20 -7.07 -8.93 16.13
N GLU A 21 -6.29 -9.02 15.06
CA GLU A 21 -5.39 -7.94 14.66
C GLU A 21 -5.85 -7.34 13.35
N LEU A 22 -5.50 -6.08 13.12
CA LEU A 22 -5.84 -5.41 11.88
C LEU A 22 -5.12 -6.03 10.69
N SER A 23 -5.87 -6.38 9.66
CA SER A 23 -5.28 -6.87 8.42
C SER A 23 -4.41 -5.77 7.84
N ALA A 24 -3.18 -6.11 7.49
CA ALA A 24 -2.24 -5.14 6.95
C ALA A 24 -2.73 -4.58 5.62
N GLY A 25 -3.39 -5.44 4.83
CA GLY A 25 -3.96 -5.04 3.57
C GLY A 25 -5.03 -3.97 3.72
N GLN A 26 -5.86 -4.11 4.75
CA GLN A 26 -6.89 -3.12 5.05
C GLN A 26 -6.26 -1.77 5.38
N LEU A 27 -5.22 -1.81 6.21
CA LEU A 27 -4.49 -0.61 6.58
C LEU A 27 -3.89 0.05 5.35
N LEU A 28 -3.35 -0.76 4.44
CA LEU A 28 -2.78 -0.24 3.21
C LEU A 28 -3.85 0.42 2.33
N LYS A 29 -5.02 -0.21 2.27
CA LYS A 29 -6.17 0.37 1.57
C LYS A 29 -6.52 1.74 2.12
N TRP A 30 -6.67 1.80 3.44
CA TRP A 30 -6.97 3.06 4.13
C TRP A 30 -5.91 4.14 3.84
N ILE A 31 -4.65 3.77 3.97
CA ILE A 31 -3.53 4.68 3.69
C ILE A 31 -3.61 5.24 2.27
N ASP A 32 -3.75 4.34 1.29
CA ASP A 32 -3.83 4.74 -0.11
C ASP A 32 -5.01 5.67 -0.36
N THR A 33 -6.14 5.39 0.31
CA THR A 33 -7.33 6.23 0.18
C THR A 33 -7.06 7.64 0.71
N THR A 34 -6.53 7.74 1.92
CA THR A 34 -6.23 9.04 2.53
C THR A 34 -5.28 9.84 1.64
N ALA A 35 -4.19 9.20 1.25
CA ALA A 35 -3.19 9.83 0.38
C ALA A 35 -3.82 10.32 -0.93
N CYS A 36 -4.63 9.47 -1.53
CA CYS A 36 -5.30 9.81 -2.79
C CYS A 36 -6.21 11.02 -2.61
N LEU A 37 -6.87 11.09 -1.46
CA LEU A 37 -7.74 12.23 -1.17
C LEU A 37 -6.95 13.52 -1.02
N ALA A 38 -5.77 13.44 -0.38
CA ALA A 38 -4.88 14.60 -0.32
C ALA A 38 -4.47 15.05 -1.73
N ALA A 39 -4.02 14.08 -2.53
CA ALA A 39 -3.61 14.34 -3.89
C ALA A 39 -4.69 15.02 -4.72
N GLU A 40 -5.89 14.44 -4.70
CA GLU A 40 -7.01 14.99 -5.45
C GLU A 40 -7.42 16.35 -4.91
N LYS A 41 -7.23 16.55 -3.61
CA LYS A 41 -7.48 17.85 -2.99
C LYS A 41 -6.52 18.88 -3.54
N HIS A 42 -5.32 18.46 -3.91
CA HIS A 42 -4.40 19.39 -4.56
C HIS A 42 -4.73 19.60 -6.05
N ALA A 43 -5.08 18.51 -6.73
CA ALA A 43 -5.20 18.49 -8.18
C ALA A 43 -6.55 19.00 -8.70
N GLY A 44 -7.62 18.69 -7.99
CA GLY A 44 -8.94 19.04 -8.44
C GLY A 44 -9.50 18.07 -9.45
N VAL A 45 -8.74 17.01 -9.71
CA VAL A 45 -9.17 15.93 -10.59
C VAL A 45 -8.85 14.59 -9.93
N SER A 46 -9.35 13.51 -10.53
CA SER A 46 -9.08 12.19 -9.98
C SER A 46 -7.60 11.82 -10.11
N CYS A 47 -7.07 11.19 -9.07
CA CYS A 47 -5.68 10.77 -9.08
C CYS A 47 -5.59 9.26 -8.86
N VAL A 48 -4.51 8.66 -9.34
CA VAL A 48 -4.28 7.22 -9.14
C VAL A 48 -2.91 6.99 -8.50
N THR A 49 -2.75 5.85 -7.86
CA THR A 49 -1.48 5.52 -7.20
C THR A 49 -0.41 5.20 -8.25
N ALA A 50 0.54 6.11 -8.41
CA ALA A 50 1.64 5.91 -9.35
C ALA A 50 2.67 4.98 -8.75
N SER A 51 3.09 5.28 -7.52
CA SER A 51 4.05 4.42 -6.84
C SER A 51 3.95 4.54 -5.33
N VAL A 52 4.69 3.67 -4.65
CA VAL A 52 4.74 3.67 -3.19
C VAL A 52 6.19 3.51 -2.74
N ASP A 53 6.63 4.32 -1.79
CA ASP A 53 7.97 4.15 -1.22
C ASP A 53 7.98 3.00 -0.22
N ASP A 54 9.09 2.81 0.49
CA ASP A 54 9.15 1.76 1.49
C ASP A 54 8.24 2.09 2.68
N ILE A 55 7.48 1.09 3.13
CA ILE A 55 6.61 1.26 4.29
C ILE A 55 6.97 0.27 5.38
N GLN A 56 7.30 0.77 6.57
N GLN A 56 7.26 0.78 6.57
CA GLN A 56 7.54 -0.11 7.70
CA GLN A 56 7.57 -0.07 7.71
C GLN A 56 6.45 0.09 8.75
C GLN A 56 6.50 0.11 8.79
N PHE A 57 6.15 -0.99 9.47
CA PHE A 57 5.14 -0.92 10.53
C PHE A 57 5.76 -1.20 11.88
N GLU A 58 5.74 -0.19 12.75
CA GLU A 58 6.37 -0.27 14.06
C GLU A 58 5.46 -0.99 15.04
N GLU A 59 4.16 -0.93 14.77
CA GLU A 59 3.17 -1.58 15.62
C GLU A 59 2.14 -2.34 14.79
N THR A 60 1.46 -3.29 15.43
CA THR A 60 0.33 -3.96 14.80
C THR A 60 -0.90 -3.68 15.64
N ALA A 61 -1.90 -3.06 15.03
CA ALA A 61 -3.08 -2.62 15.77
C ALA A 61 -4.05 -3.78 16.04
N ARG A 62 -4.84 -3.66 17.09
CA ARG A 62 -5.78 -4.72 17.47
C ARG A 62 -7.22 -4.22 17.39
N VAL A 63 -8.15 -5.17 17.27
CA VAL A 63 -9.58 -4.88 17.34
C VAL A 63 -9.90 -4.10 18.59
N GLY A 64 -10.66 -3.02 18.46
CA GLY A 64 -11.00 -2.17 19.59
C GLY A 64 -10.19 -0.89 19.61
N GLN A 65 -9.06 -0.89 18.90
CA GLN A 65 -8.20 0.29 18.84
C GLN A 65 -8.62 1.20 17.69
N VAL A 66 -8.10 2.42 17.68
CA VAL A 66 -8.46 3.38 16.65
C VAL A 66 -7.24 3.82 15.82
N ILE A 67 -7.36 3.66 14.51
CA ILE A 67 -6.32 4.11 13.58
C ILE A 67 -6.62 5.53 13.12
N THR A 68 -5.60 6.38 13.17
CA THR A 68 -5.68 7.73 12.61
C THR A 68 -4.63 7.86 11.52
N ILE A 69 -5.06 8.26 10.33
CA ILE A 69 -4.16 8.42 9.20
C ILE A 69 -4.19 9.85 8.70
N LYS A 70 -3.01 10.47 8.60
CA LYS A 70 -2.90 11.82 8.09
C LYS A 70 -2.04 11.87 6.85
N ALA A 71 -2.57 12.47 5.79
CA ALA A 71 -1.82 12.58 4.54
C ALA A 71 -1.67 14.03 4.13
N LYS A 72 -0.62 14.35 3.40
CA LYS A 72 -0.34 15.72 3.00
C LYS A 72 0.43 15.75 1.69
N VAL A 73 0.14 16.73 0.84
CA VAL A 73 0.92 16.92 -0.38
C VAL A 73 2.16 17.75 -0.05
N THR A 74 3.33 17.13 -0.15
CA THR A 74 4.59 17.81 0.17
C THR A 74 5.06 18.66 -0.99
N ARG A 75 4.84 18.17 -2.20
CA ARG A 75 5.30 18.86 -3.40
C ARG A 75 4.59 18.37 -4.65
N ALA A 76 4.15 19.33 -5.48
CA ALA A 76 3.62 19.00 -6.79
C ALA A 76 4.72 19.21 -7.83
N PHE A 77 4.76 18.34 -8.84
CA PHE A 77 5.71 18.49 -9.92
C PHE A 77 4.98 18.97 -11.18
N SER A 78 4.82 18.08 -12.16
CA SER A 78 4.04 18.42 -13.35
C SER A 78 2.65 17.79 -13.27
N THR A 79 2.60 16.47 -13.38
CA THR A 79 1.34 15.73 -13.31
C THR A 79 1.28 14.87 -12.05
N SER A 80 2.45 14.63 -11.47
CA SER A 80 2.55 13.81 -10.27
C SER A 80 2.71 14.68 -9.04
N MET A 81 2.53 14.07 -7.87
CA MET A 81 2.82 14.73 -6.61
C MET A 81 3.18 13.72 -5.54
N GLU A 82 3.93 14.18 -4.55
CA GLU A 82 4.39 13.34 -3.45
C GLU A 82 3.55 13.58 -2.21
N ILE A 83 3.10 12.50 -1.60
CA ILE A 83 2.25 12.56 -0.42
C ILE A 83 2.96 11.93 0.77
N SER A 84 3.04 12.68 1.87
CA SER A 84 3.58 12.16 3.11
C SER A 84 2.43 11.65 3.98
N ILE A 85 2.63 10.47 4.57
CA ILE A 85 1.59 9.81 5.35
C ILE A 85 2.10 9.44 6.74
N LYS A 86 1.26 9.68 7.74
CA LYS A 86 1.56 9.35 9.13
C LYS A 86 0.40 8.53 9.68
N VAL A 87 0.72 7.35 10.21
CA VAL A 87 -0.29 6.46 10.78
C VAL A 87 -0.06 6.23 12.26
N MET A 88 -1.07 6.57 13.06
CA MET A 88 -1.02 6.46 14.51
C MET A 88 -2.10 5.49 14.99
N VAL A 89 -1.82 4.76 16.07
CA VAL A 89 -2.84 3.93 16.70
C VAL A 89 -3.08 4.39 18.13
N GLN A 90 -4.34 4.39 18.54
CA GLN A 90 -4.68 4.76 19.92
C GLN A 90 -5.51 3.66 20.58
N ASP A 91 -5.09 3.25 21.77
CA ASP A 91 -5.86 2.31 22.57
C ASP A 91 -6.91 3.08 23.35
N MET A 92 -8.15 2.61 23.28
CA MET A 92 -9.29 3.37 23.82
C MET A 92 -9.63 2.96 25.24
N LEU A 93 -8.71 2.26 25.89
CA LEU A 93 -8.86 1.89 27.29
C LEU A 93 -7.80 2.63 28.10
N THR A 94 -6.67 2.91 27.44
CA THR A 94 -5.53 3.54 28.08
C THR A 94 -5.35 4.99 27.63
N GLY A 95 -5.75 5.27 26.39
CA GLY A 95 -5.61 6.60 25.84
C GLY A 95 -4.28 6.82 25.15
N ILE A 96 -3.48 5.76 25.08
CA ILE A 96 -2.11 5.84 24.58
C ILE A 96 -2.01 5.78 23.05
N GLU A 97 -1.24 6.72 22.49
CA GLU A 97 -0.99 6.75 21.05
C GLU A 97 0.41 6.21 20.72
N LYS A 98 0.49 5.42 19.66
CA LYS A 98 1.77 4.93 19.17
C LYS A 98 1.85 5.16 17.67
N LEU A 99 3.02 5.58 17.19
CA LEU A 99 3.22 5.72 15.76
C LEU A 99 3.25 4.34 15.12
N VAL A 100 2.44 4.15 14.09
CA VAL A 100 2.43 2.89 13.36
C VAL A 100 3.33 3.02 12.14
N SER A 101 3.19 4.12 11.41
CA SER A 101 3.99 4.27 10.20
C SER A 101 4.23 5.72 9.75
N VAL A 102 5.32 5.90 9.02
CA VAL A 102 5.61 7.14 8.33
C VAL A 102 6.08 6.74 6.94
N ALA A 103 5.40 7.23 5.91
CA ALA A 103 5.72 6.79 4.56
C ALA A 103 5.43 7.84 3.51
N PHE A 104 5.86 7.57 2.27
CA PHE A 104 5.59 8.46 1.16
C PHE A 104 4.96 7.65 0.03
N SER A 105 4.07 8.29 -0.71
CA SER A 105 3.47 7.65 -1.88
C SER A 105 3.41 8.67 -3.00
N THR A 106 3.50 8.21 -4.25
CA THR A 106 3.41 9.13 -5.38
C THR A 106 2.12 8.94 -6.16
N PHE A 107 1.38 10.03 -6.33
CA PHE A 107 0.10 9.97 -7.05
C PHE A 107 0.15 10.79 -8.34
N VAL A 108 -0.59 10.34 -9.35
CA VAL A 108 -0.62 11.00 -10.65
C VAL A 108 -2.03 11.50 -10.98
N ALA A 109 -2.13 12.77 -11.33
CA ALA A 109 -3.42 13.36 -11.70
C ALA A 109 -3.82 12.89 -13.10
N LYS A 110 -5.08 12.51 -13.24
CA LYS A 110 -5.62 12.05 -14.52
C LYS A 110 -6.52 13.12 -15.14
N PRO A 111 -6.30 13.41 -16.42
CA PRO A 111 -7.24 14.31 -17.12
C PRO A 111 -8.54 13.56 -17.38
N VAL A 112 -9.59 14.29 -17.75
CA VAL A 112 -10.86 13.65 -18.06
C VAL A 112 -10.77 13.05 -19.46
N GLY A 113 -10.28 13.85 -20.40
CA GLY A 113 -10.08 13.39 -21.76
C GLY A 113 -8.67 13.60 -22.25
N LYS A 114 -8.49 14.58 -23.13
CA LYS A 114 -7.17 14.86 -23.69
C LYS A 114 -6.61 16.14 -23.10
N GLU A 115 -7.14 16.50 -21.93
CA GLU A 115 -6.69 17.70 -21.24
C GLU A 115 -5.24 17.53 -20.81
N LYS A 116 -4.43 18.53 -21.09
CA LYS A 116 -3.13 18.61 -20.44
C LYS A 116 -3.40 18.95 -18.99
N ILE A 117 -2.50 18.52 -18.10
CA ILE A 117 -2.69 18.80 -16.68
C ILE A 117 -1.44 19.47 -16.10
N HIS A 118 -1.64 20.65 -15.53
CA HIS A 118 -0.56 21.37 -14.89
C HIS A 118 -0.95 21.68 -13.45
N LEU A 119 -0.18 21.14 -12.51
CA LEU A 119 -0.48 21.29 -11.09
C LEU A 119 0.08 22.58 -10.52
N LYS A 120 -0.72 23.26 -9.71
CA LYS A 120 -0.26 24.45 -9.00
C LYS A 120 0.67 24.02 -7.89
N PRO A 121 1.63 24.89 -7.52
CA PRO A 121 2.62 24.51 -6.51
C PRO A 121 2.00 24.40 -5.12
N VAL A 122 2.63 23.62 -4.24
CA VAL A 122 2.22 23.58 -2.85
C VAL A 122 2.70 24.86 -2.19
N THR A 123 1.79 25.58 -1.54
CA THR A 123 2.16 26.81 -0.84
C THR A 123 2.99 26.45 0.39
N LEU A 124 4.01 27.25 0.67
CA LEU A 124 4.93 26.97 1.76
C LEU A 124 4.84 28.06 2.82
N LEU A 125 4.83 27.65 4.09
CA LEU A 125 4.68 28.57 5.21
C LEU A 125 5.83 28.35 6.17
N THR A 126 5.72 27.28 6.96
CA THR A 126 6.76 26.89 7.89
C THR A 126 8.04 26.55 7.14
N GLU A 127 9.15 26.55 7.86
CA GLU A 127 10.44 26.18 7.30
C GLU A 127 10.47 24.70 6.94
N GLN A 128 9.84 23.89 7.78
CA GLN A 128 9.77 22.44 7.56
C GLN A 128 9.05 22.12 6.25
N ASP A 129 8.16 23.02 5.83
CA ASP A 129 7.51 22.89 4.54
C ASP A 129 8.52 23.04 3.40
N HIS A 130 9.44 23.99 3.54
CA HIS A 130 10.51 24.16 2.56
C HIS A 130 11.49 22.98 2.59
N VAL A 131 11.80 22.51 3.80
CA VAL A 131 12.69 21.37 3.99
C VAL A 131 12.14 20.12 3.28
N GLU A 132 10.89 19.79 3.59
CA GLU A 132 10.25 18.65 2.94
C GLU A 132 10.07 18.88 1.45
N HIS A 133 9.88 20.15 1.06
CA HIS A 133 9.74 20.50 -0.34
C HIS A 133 11.03 20.21 -1.11
N ASN A 134 12.16 20.42 -0.45
CA ASN A 134 13.46 20.12 -1.06
C ASN A 134 13.77 18.62 -1.03
N LEU A 135 13.50 17.98 0.10
CA LEU A 135 13.70 16.54 0.25
C LEU A 135 12.88 15.75 -0.78
N ALA A 136 11.71 16.27 -1.11
CA ALA A 136 10.82 15.64 -2.09
C ALA A 136 11.54 15.40 -3.43
N ALA A 137 12.41 16.32 -3.81
CA ALA A 137 13.17 16.18 -5.05
C ALA A 137 14.14 15.00 -5.01
N GLU A 138 14.86 14.88 -3.90
CA GLU A 138 15.82 13.78 -3.73
C GLU A 138 15.10 12.44 -3.67
N ARG A 139 14.05 12.40 -2.86
CA ARG A 139 13.23 11.20 -2.72
C ARG A 139 12.65 10.77 -4.07
N ARG A 140 12.26 11.76 -4.87
CA ARG A 140 11.77 11.48 -6.21
C ARG A 140 12.88 10.90 -7.10
N LYS A 141 14.07 11.50 -7.03
CA LYS A 141 15.23 11.02 -7.76
C LYS A 141 15.48 9.55 -7.45
N VAL A 142 15.46 9.23 -6.15
CA VAL A 142 15.57 7.85 -5.68
C VAL A 142 14.49 6.95 -6.25
N ARG A 143 13.24 7.40 -6.18
CA ARG A 143 12.10 6.64 -6.72
C ARG A 143 12.31 6.28 -8.19
N LEU A 144 12.76 7.25 -8.96
CA LEU A 144 12.96 7.06 -10.39
C LEU A 144 14.14 6.14 -10.68
N GLN A 145 15.23 6.30 -9.92
CA GLN A 145 16.39 5.43 -10.10
C GLN A 145 16.12 3.99 -9.69
N HIS A 146 15.19 3.80 -8.74
CA HIS A 146 14.86 2.47 -8.26
C HIS A 146 14.28 1.62 -9.38
N GLU A 147 13.67 2.29 -10.36
CA GLU A 147 13.34 1.65 -11.62
C GLU A 147 14.61 1.49 -12.45
N ASP A 148 15.65 0.91 -11.86
CA ASP A 148 16.79 0.46 -12.62
C ASP A 148 16.42 -0.93 -13.12
N THR A 149 15.61 -1.59 -12.31
CA THR A 149 15.02 -2.89 -12.64
C THR A 149 14.31 -2.84 -14.00
N ARG A 175 11.44 -25.19 -2.34
CA ARG A 175 10.64 -23.97 -2.45
C ARG A 175 9.38 -24.24 -3.28
N GLY A 176 8.37 -24.83 -2.63
CA GLY A 176 7.14 -25.18 -3.32
C GLY A 176 5.89 -24.64 -2.67
N THR A 177 6.06 -23.80 -1.65
CA THR A 177 4.93 -23.23 -0.94
C THR A 177 4.40 -21.92 -1.59
N SER A 178 4.10 -22.02 -2.88
CA SER A 178 3.54 -20.91 -3.64
C SER A 178 2.05 -20.70 -3.36
N VAL A 179 1.55 -19.50 -3.63
CA VAL A 179 0.12 -19.22 -3.51
C VAL A 179 -0.37 -18.52 -4.77
N GLN A 180 -1.51 -18.97 -5.28
CA GLN A 180 -2.13 -18.33 -6.42
C GLN A 180 -3.55 -17.93 -6.07
N SER A 181 -3.95 -16.73 -6.48
CA SER A 181 -5.32 -16.29 -6.23
C SER A 181 -5.80 -15.37 -7.35
N ILE A 182 -7.09 -15.11 -7.37
CA ILE A 182 -7.67 -14.28 -8.42
C ILE A 182 -8.78 -13.38 -7.89
N GLU A 183 -8.78 -12.14 -8.33
CA GLU A 183 -9.80 -11.19 -7.91
C GLU A 183 -10.43 -10.49 -9.11
N LEU A 184 -11.75 -10.48 -9.16
CA LEU A 184 -12.48 -9.75 -10.18
C LEU A 184 -12.67 -8.31 -9.70
N VAL A 185 -12.32 -7.34 -10.55
CA VAL A 185 -12.42 -5.94 -10.15
C VAL A 185 -13.83 -5.40 -10.33
N LEU A 186 -14.50 -5.15 -9.21
CA LEU A 186 -15.88 -4.66 -9.20
C LEU A 186 -15.89 -3.14 -8.95
N PRO A 187 -17.03 -2.48 -9.19
CA PRO A 187 -17.16 -1.03 -8.94
C PRO A 187 -16.66 -0.51 -7.58
N PRO A 188 -16.86 -1.25 -6.47
CA PRO A 188 -16.33 -0.68 -5.21
C PRO A 188 -14.80 -0.71 -5.15
N HIS A 189 -14.15 -1.34 -6.13
CA HIS A 189 -12.70 -1.46 -6.14
C HIS A 189 -12.02 -0.42 -7.03
N ALA A 190 -12.82 0.42 -7.68
CA ALA A 190 -12.29 1.45 -8.57
C ALA A 190 -12.93 2.81 -8.30
N ASN A 191 -12.35 3.88 -8.84
CA ASN A 191 -12.97 5.18 -8.74
C ASN A 191 -14.10 5.32 -9.77
N HIS A 192 -14.82 6.45 -9.75
CA HIS A 192 -16.02 6.58 -10.57
C HIS A 192 -15.73 6.66 -12.08
N HIS A 193 -14.47 6.78 -12.45
CA HIS A 193 -14.08 6.73 -13.85
C HIS A 193 -13.78 5.30 -14.28
N GLY A 194 -13.69 4.40 -13.30
CA GLY A 194 -13.45 2.99 -13.57
C GLY A 194 -12.05 2.52 -13.26
N ASN A 195 -11.21 3.42 -12.73
CA ASN A 195 -9.82 3.10 -12.44
C ASN A 195 -9.62 2.44 -11.08
N THR A 196 -9.11 1.22 -11.11
CA THR A 196 -8.86 0.41 -9.90
C THR A 196 -7.96 1.14 -8.90
N PHE A 197 -8.32 1.08 -7.63
CA PHE A 197 -7.50 1.67 -6.57
C PHE A 197 -6.23 0.87 -6.34
N GLY A 198 -5.10 1.56 -6.19
CA GLY A 198 -3.85 0.90 -5.87
C GLY A 198 -3.92 0.24 -4.51
N GLY A 199 -4.70 0.84 -3.61
CA GLY A 199 -4.86 0.32 -2.26
C GLY A 199 -5.57 -1.02 -2.20
N GLN A 200 -6.54 -1.22 -3.08
CA GLN A 200 -7.26 -2.48 -3.16
C GLN A 200 -6.31 -3.59 -3.59
N ILE A 201 -5.52 -3.27 -4.62
CA ILE A 201 -4.49 -4.16 -5.14
C ILE A 201 -3.49 -4.51 -4.03
N MET A 202 -3.12 -3.51 -3.23
CA MET A 202 -2.21 -3.74 -2.11
C MET A 202 -2.82 -4.66 -1.06
N ALA A 203 -4.12 -4.48 -0.80
CA ALA A 203 -4.84 -5.33 0.14
C ALA A 203 -4.86 -6.79 -0.31
N TRP A 204 -5.29 -7.02 -1.55
CA TRP A 204 -5.30 -8.37 -2.12
C TRP A 204 -3.91 -9.01 -2.09
N MET A 205 -2.93 -8.26 -2.59
CA MET A 205 -1.51 -8.62 -2.51
C MET A 205 -1.16 -9.14 -1.12
N GLU A 206 -1.45 -8.32 -0.12
CA GLU A 206 -1.13 -8.65 1.27
C GLU A 206 -1.80 -9.94 1.72
N THR A 207 -3.07 -10.11 1.41
CA THR A 207 -3.77 -11.34 1.73
C THR A 207 -3.01 -12.58 1.21
N VAL A 208 -2.77 -12.58 -0.11
CA VAL A 208 -2.07 -13.71 -0.73
C VAL A 208 -0.68 -13.97 -0.12
N ALA A 209 0.09 -12.89 0.03
CA ALA A 209 1.43 -12.98 0.61
C ALA A 209 1.40 -13.60 2.01
N THR A 210 0.48 -13.12 2.83
CA THR A 210 0.30 -13.63 4.18
C THR A 210 0.04 -15.13 4.12
N ILE A 211 -0.82 -15.54 3.20
CA ILE A 211 -1.04 -16.98 3.00
C ILE A 211 0.28 -17.72 2.72
N SER A 212 1.10 -17.15 1.84
CA SER A 212 2.41 -17.77 1.56
C SER A 212 3.30 -17.92 2.82
N ALA A 213 3.46 -16.81 3.55
CA ALA A 213 4.26 -16.82 4.78
C ALA A 213 3.76 -17.88 5.78
N SER A 214 2.45 -17.87 6.03
CA SER A 214 1.83 -18.86 6.90
C SER A 214 2.19 -20.26 6.42
N ARG A 215 2.12 -20.45 5.11
CA ARG A 215 2.44 -21.74 4.52
C ARG A 215 3.90 -22.14 4.70
N LEU A 216 4.77 -21.17 4.90
CA LEU A 216 6.16 -21.50 5.25
C LEU A 216 6.33 -21.85 6.72
N CYS A 217 5.75 -21.05 7.62
CA CYS A 217 6.02 -21.22 9.04
C CYS A 217 4.95 -22.01 9.82
N TRP A 218 3.77 -22.17 9.22
CA TRP A 218 2.63 -22.80 9.90
C TRP A 218 2.31 -22.11 11.23
N ALA A 219 2.50 -20.79 11.25
CA ALA A 219 2.22 -19.99 12.43
C ALA A 219 1.44 -18.74 12.01
N HIS A 220 1.62 -17.66 12.77
CA HIS A 220 0.85 -16.46 12.53
C HIS A 220 1.73 -15.28 12.14
N PRO A 221 1.81 -14.99 10.83
CA PRO A 221 2.64 -13.92 10.29
C PRO A 221 2.00 -12.55 10.48
N PHE A 222 2.80 -11.56 10.84
CA PHE A 222 2.36 -10.17 10.82
C PHE A 222 3.33 -9.34 9.98
N LEU A 223 2.80 -8.41 9.22
CA LEU A 223 3.60 -7.64 8.25
C LEU A 223 4.58 -6.70 8.92
N LYS A 224 5.85 -6.83 8.55
CA LYS A 224 6.90 -5.95 9.07
C LYS A 224 7.08 -4.77 8.14
N SER A 225 7.09 -5.03 6.83
CA SER A 225 7.27 -3.96 5.85
C SER A 225 6.86 -4.33 4.43
N VAL A 226 6.79 -3.30 3.58
CA VAL A 226 6.64 -3.48 2.14
C VAL A 226 7.70 -2.64 1.45
N ASP A 227 8.39 -3.21 0.46
CA ASP A 227 9.41 -2.47 -0.26
C ASP A 227 8.80 -1.56 -1.32
N MET A 228 9.51 -0.52 -1.72
CA MET A 228 8.99 0.41 -2.71
C MET A 228 8.79 -0.29 -4.05
N PHE A 229 7.69 0.04 -4.71
CA PHE A 229 7.36 -0.54 -6.00
C PHE A 229 6.52 0.43 -6.81
N LYS A 230 6.46 0.22 -8.11
CA LYS A 230 5.67 1.08 -8.98
C LYS A 230 4.44 0.35 -9.50
N PHE A 231 3.35 1.09 -9.67
CA PHE A 231 2.21 0.59 -10.42
C PHE A 231 2.47 0.89 -11.90
N ARG A 232 2.78 -0.16 -12.66
CA ARG A 232 3.29 -0.01 -14.01
C ARG A 232 2.24 0.33 -15.05
N GLY A 233 0.99 -0.08 -14.80
CA GLY A 233 -0.10 0.15 -15.73
C GLY A 233 -1.44 0.21 -15.05
N PRO A 234 -2.45 0.78 -15.74
CA PRO A 234 -3.77 0.94 -15.15
C PRO A 234 -4.56 -0.37 -15.13
N SER A 235 -5.57 -0.43 -14.27
CA SER A 235 -6.52 -1.53 -14.26
C SER A 235 -7.93 -0.94 -14.31
N THR A 236 -8.90 -1.75 -14.74
CA THR A 236 -10.25 -1.26 -14.97
C THR A 236 -11.30 -2.22 -14.42
N VAL A 237 -12.45 -1.69 -13.99
CA VAL A 237 -13.58 -2.50 -13.55
C VAL A 237 -13.87 -3.59 -14.55
N GLY A 238 -14.04 -4.82 -14.05
CA GLY A 238 -14.37 -5.93 -14.92
C GLY A 238 -13.19 -6.81 -15.26
N ASP A 239 -11.97 -6.32 -15.04
CA ASP A 239 -10.79 -7.13 -15.34
C ASP A 239 -10.25 -7.96 -14.15
N ARG A 240 -9.63 -9.09 -14.49
CA ARG A 240 -9.11 -10.04 -13.52
C ARG A 240 -7.69 -9.69 -13.08
N LEU A 241 -7.46 -9.81 -11.78
CA LEU A 241 -6.14 -9.68 -11.22
C LEU A 241 -5.67 -11.02 -10.69
N VAL A 242 -4.67 -11.59 -11.35
CA VAL A 242 -4.05 -12.82 -10.92
C VAL A 242 -2.86 -12.49 -10.02
N PHE A 243 -2.90 -13.05 -8.81
CA PHE A 243 -1.88 -12.82 -7.80
C PHE A 243 -1.06 -14.08 -7.59
N THR A 244 0.27 -13.92 -7.66
CA THR A 244 1.19 -15.03 -7.47
C THR A 244 2.20 -14.70 -6.38
N ALA A 245 2.06 -15.34 -5.22
CA ALA A 245 2.97 -15.09 -4.10
C ALA A 245 3.92 -16.26 -3.90
N ILE A 246 5.16 -15.95 -3.54
CA ILE A 246 6.15 -16.97 -3.22
C ILE A 246 7.32 -16.39 -2.41
N VAL A 247 7.72 -17.11 -1.36
CA VAL A 247 8.87 -16.73 -0.56
C VAL A 247 10.12 -16.64 -1.45
N ASN A 248 10.81 -15.50 -1.36
CA ASN A 248 12.03 -15.24 -2.12
C ASN A 248 13.25 -15.49 -1.26
N ASN A 249 13.11 -15.18 0.03
CA ASN A 249 14.22 -15.34 0.97
C ASN A 249 13.75 -15.37 2.41
N THR A 250 14.67 -15.72 3.30
CA THR A 250 14.39 -15.83 4.72
C THR A 250 15.63 -15.35 5.48
N PHE A 251 15.44 -14.91 6.72
CA PHE A 251 16.56 -14.45 7.54
C PHE A 251 16.13 -14.31 8.99
N GLN A 252 16.57 -15.26 9.82
CA GLN A 252 16.24 -15.28 11.24
C GLN A 252 14.73 -15.21 11.48
N THR A 253 14.26 -14.04 11.91
CA THR A 253 12.86 -13.84 12.25
C THR A 253 12.08 -13.17 11.13
N CYS A 254 12.74 -12.94 10.00
CA CYS A 254 12.09 -12.28 8.87
C CYS A 254 11.95 -13.18 7.64
N VAL A 255 10.76 -13.19 7.06
CA VAL A 255 10.55 -13.88 5.79
C VAL A 255 10.17 -12.87 4.71
N GLU A 256 10.70 -13.06 3.51
CA GLU A 256 10.36 -12.17 2.41
C GLU A 256 9.51 -12.90 1.39
N VAL A 257 8.30 -12.37 1.16
CA VAL A 257 7.40 -12.94 0.16
C VAL A 257 7.29 -11.98 -1.01
N GLY A 258 7.48 -12.49 -2.22
CA GLY A 258 7.30 -11.69 -3.42
C GLY A 258 5.94 -11.97 -4.04
N VAL A 259 5.23 -10.91 -4.39
CA VAL A 259 3.92 -11.05 -5.03
C VAL A 259 3.90 -10.40 -6.41
N ARG A 260 3.30 -11.10 -7.36
CA ARG A 260 3.15 -10.57 -8.72
C ARG A 260 1.68 -10.40 -9.05
N VAL A 261 1.36 -9.24 -9.63
CA VAL A 261 0.00 -8.88 -9.98
C VAL A 261 -0.10 -8.65 -11.49
N GLU A 262 -0.85 -9.54 -12.15
CA GLU A 262 -1.04 -9.51 -13.60
C GLU A 262 -2.51 -9.27 -13.90
N ALA A 263 -2.81 -8.48 -14.94
CA ALA A 263 -4.20 -8.09 -15.24
C ALA A 263 -4.69 -8.54 -16.62
N PHE A 264 -5.97 -8.88 -16.68
CA PHE A 264 -6.60 -9.32 -17.93
C PHE A 264 -8.00 -8.76 -18.07
N ASP A 265 -8.33 -8.07 -19.15
CA ASP A 265 -9.75 -7.89 -19.43
C ASP A 265 -10.28 -9.24 -19.92
N CYS A 266 -11.60 -9.34 -20.13
CA CYS A 266 -12.21 -10.62 -20.50
C CYS A 266 -11.58 -11.26 -21.75
N GLN A 267 -11.34 -10.43 -22.78
CA GLN A 267 -10.74 -10.91 -24.02
C GLN A 267 -9.29 -11.39 -23.78
N GLU A 268 -8.50 -10.53 -23.15
CA GLU A 268 -7.13 -10.85 -22.75
C GLU A 268 -7.11 -12.10 -21.87
N TRP A 269 -8.11 -12.20 -21.01
CA TRP A 269 -8.29 -13.35 -20.13
C TRP A 269 -8.46 -14.61 -20.96
N ALA A 270 -9.24 -14.51 -22.02
CA ALA A 270 -9.44 -15.65 -22.92
C ALA A 270 -8.19 -16.01 -23.71
N GLU A 271 -7.39 -15.01 -24.07
CA GLU A 271 -6.23 -15.27 -24.91
C GLU A 271 -4.92 -15.46 -24.14
N GLY A 272 -4.95 -15.22 -22.82
CA GLY A 272 -3.78 -15.48 -22.01
C GLY A 272 -2.71 -14.40 -22.04
N ARG A 273 -2.99 -13.32 -22.76
CA ARG A 273 -2.07 -12.18 -22.80
C ARG A 273 -2.48 -11.14 -21.75
N GLY A 274 -1.69 -11.06 -20.70
CA GLY A 274 -2.02 -10.16 -19.60
C GLY A 274 -1.15 -8.92 -19.56
N ARG A 275 -1.42 -8.06 -18.58
CA ARG A 275 -0.61 -6.88 -18.35
C ARG A 275 0.04 -7.00 -16.98
N HIS A 276 1.37 -6.88 -16.92
CA HIS A 276 2.04 -6.85 -15.63
C HIS A 276 1.69 -5.54 -14.94
N ILE A 277 0.80 -5.61 -13.95
CA ILE A 277 0.44 -4.42 -13.19
C ILE A 277 1.56 -4.08 -12.22
N ASN A 278 1.92 -5.03 -11.36
CA ASN A 278 3.00 -4.74 -10.41
C ASN A 278 3.67 -5.94 -9.79
N SER A 279 4.82 -5.71 -9.17
CA SER A 279 5.51 -6.74 -8.41
C SER A 279 6.03 -6.12 -7.12
N ALA A 280 5.70 -6.73 -5.99
CA ALA A 280 6.08 -6.17 -4.70
C ALA A 280 6.76 -7.20 -3.81
N PHE A 281 7.45 -6.71 -2.78
CA PHE A 281 8.11 -7.59 -1.83
C PHE A 281 7.73 -7.19 -0.40
N LEU A 282 7.11 -8.15 0.30
CA LEU A 282 6.61 -7.91 1.64
C LEU A 282 7.41 -8.72 2.65
N ILE A 283 7.89 -8.06 3.70
CA ILE A 283 8.63 -8.74 4.76
C ILE A 283 7.77 -8.93 6.00
N TYR A 284 7.70 -10.18 6.47
CA TYR A 284 6.91 -10.55 7.63
C TYR A 284 7.77 -11.05 8.77
N ASN A 285 7.23 -10.98 9.98
CA ASN A 285 7.68 -11.79 11.09
C ASN A 285 6.60 -12.84 11.31
N ALA A 286 6.64 -13.51 12.45
CA ALA A 286 5.58 -14.46 12.81
C ALA A 286 5.63 -14.84 14.27
N ALA A 287 4.47 -15.24 14.81
CA ALA A 287 4.39 -15.72 16.18
C ALA A 287 3.53 -16.98 16.22
N ASP A 288 3.84 -17.88 17.15
CA ASP A 288 3.06 -19.11 17.31
C ASP A 288 1.73 -18.81 18.02
N ASP A 289 1.12 -19.85 18.58
CA ASP A 289 -0.15 -19.69 19.27
C ASP A 289 0.06 -19.17 20.69
N LYS A 290 1.33 -18.88 21.02
CA LYS A 290 1.68 -18.03 22.14
C LYS A 290 2.25 -16.76 21.52
N GLU A 291 2.27 -15.67 22.27
CA GLU A 291 2.75 -14.41 21.71
C GLU A 291 4.27 -14.32 21.61
N ASN A 292 4.93 -15.46 21.46
CA ASN A 292 6.37 -15.49 21.30
C ASN A 292 6.80 -15.53 19.84
N LEU A 293 7.81 -14.73 19.49
CA LEU A 293 8.31 -14.64 18.12
C LEU A 293 8.97 -15.95 17.72
N ILE A 294 9.14 -16.18 16.41
CA ILE A 294 9.75 -17.40 15.93
C ILE A 294 10.81 -17.15 14.85
N THR A 295 11.70 -18.12 14.67
CA THR A 295 12.75 -18.03 13.67
C THR A 295 12.42 -18.86 12.43
N PHE A 296 12.53 -18.25 11.26
CA PHE A 296 12.27 -18.94 10.00
C PHE A 296 13.48 -19.77 9.59
N PRO A 297 13.24 -20.92 8.93
CA PRO A 297 14.35 -21.77 8.50
C PRO A 297 15.10 -21.09 7.38
N ARG A 298 16.37 -21.43 7.18
CA ARG A 298 17.10 -20.88 6.03
C ARG A 298 16.69 -21.61 4.75
N ILE A 299 16.78 -20.92 3.62
CA ILE A 299 16.47 -21.53 2.32
C ILE A 299 17.56 -21.25 1.30
#